data_6JBU
#
_entry.id   6JBU
#
_cell.length_a   121.135
_cell.length_b   121.135
_cell.length_c   83.413
_cell.angle_alpha   90.00
_cell.angle_beta   90.00
_cell.angle_gamma   120.00
#
_symmetry.space_group_name_H-M   'P 31 2 1'
#
loop_
_entity.id
_entity.type
_entity.pdbx_description
1 polymer 'Adhesion G protein-coupled receptor L3'
2 polymer 'Leucine-rich repeat transmembrane protein FLRT3'
3 non-polymer 'PHOSPHATE ION'
4 non-polymer 'SODIUM ION'
5 non-polymer 1,2-ETHANEDIOL
6 non-polymer 2-acetamido-2-deoxy-beta-D-glucopyranose
7 water water
#
loop_
_entity_poly.entity_id
_entity_poly.type
_entity_poly.pdbx_seq_one_letter_code
_entity_poly.pdbx_strand_id
1 'polypeptide(L)'
;APGDPRECPGLLKGVYQSEHLFESDHQSGAWCKDPLQASDKIYYMPWTPYRTDTLTEYSSKDDFIAGRPTTTYKLPHRVD
GTGFVVYDGALFFNKERTRNIVKFDLRTRIKSGEAIIANANYHDTSPYRWGGKSDIDLAVDENGLWVIYATEQNNGKIVI
SQLNPYTLRIEGTWDTAYDKRSASNAFMICGILYVVKSVYEDDDNEATGNKIDYIYNTDQSKDSLVDVPFPNSYQYIAAV
DYNPRDNLLYVWNNYHVVKYSLDFGPAAAHHHHHHH
;
A
2 'polypeptide(L)'
;APGDPREKSCPSVCRCDAGFIYCNDRFLTSIPTGIPEDATTLYLQNNQINNAGIPSDLKNLLKVERIYLYHNSLDEFPTN
LPKYVKELHLQENNIRTITYDSLSKIPYLEELHLDDNSVSAVSIEEGAFRDSNYLRLLFLSRNHLSTIPWGLPRTIEELR
LDDNRISTISSPSLQGLTSLKRLVLDGNLLNNHGLGDKVFFNLVNLTELSLVRNSLTAAPVNLPGTNLRKLYLQDNHINR
VPPNAFSYLRQLYRLDMSNNNLSNLPQGIFDDLDNITQLILRNNPWYCGCKMKWVRDWLQSLPVKVNVRGLMCQAPEKVR
GMAIKDLNAELFDCKDSAAAHHHHHHH
;
B
#
loop_
_chem_comp.id
_chem_comp.type
_chem_comp.name
_chem_comp.formula
EDO non-polymer 1,2-ETHANEDIOL 'C2 H6 O2'
NA non-polymer 'SODIUM ION' 'Na 1'
NAG D-saccharide, beta linking 2-acetamido-2-deoxy-beta-D-glucopyranose 'C8 H15 N O6'
PO4 non-polymer 'PHOSPHATE ION' 'O4 P -3'
#
# COMPACT_ATOMS: atom_id res chain seq x y z
N GLY A 3 23.33 -5.13 -24.01
CA GLY A 3 22.76 -6.39 -23.57
C GLY A 3 23.46 -7.07 -22.40
N ASP A 4 24.70 -6.69 -22.14
CA ASP A 4 25.45 -7.23 -21.00
C ASP A 4 25.14 -6.39 -19.77
N PRO A 5 24.36 -6.91 -18.82
CA PRO A 5 23.93 -6.10 -17.67
C PRO A 5 25.03 -5.77 -16.70
N ARG A 6 26.24 -6.27 -16.90
CA ARG A 6 27.34 -5.99 -15.97
C ARG A 6 28.39 -5.08 -16.59
N GLU A 7 28.23 -4.71 -17.86
CA GLU A 7 29.24 -3.89 -18.54
C GLU A 7 28.73 -2.45 -18.62
N CYS A 8 29.50 -1.51 -18.07
CA CYS A 8 29.10 -0.10 -17.98
C CYS A 8 28.89 0.50 -19.37
N PRO A 9 27.75 1.15 -19.64
CA PRO A 9 27.56 1.77 -20.96
C PRO A 9 28.23 3.13 -21.09
N GLY A 10 28.73 3.69 -19.99
CA GLY A 10 29.33 5.01 -20.04
C GLY A 10 28.62 5.98 -19.13
N LEU A 11 28.84 7.26 -19.35
CA LEU A 11 28.25 8.34 -18.58
C LEU A 11 27.03 8.85 -19.33
N LEU A 12 25.91 9.01 -18.62
CA LEU A 12 24.66 9.38 -19.28
C LEU A 12 24.75 10.81 -19.80
N LYS A 13 24.41 11.01 -21.09
CA LYS A 13 24.46 12.30 -21.76
C LYS A 13 23.11 12.78 -22.25
N GLY A 14 22.14 11.91 -22.44
CA GLY A 14 20.88 12.33 -23.04
C GLY A 14 19.81 11.30 -22.74
N VAL A 15 18.56 11.79 -22.65
CA VAL A 15 17.39 10.97 -22.35
C VAL A 15 16.28 11.32 -23.33
N TYR A 16 15.64 10.30 -23.89
CA TYR A 16 14.69 10.50 -24.98
C TYR A 16 13.45 9.64 -24.75
N GLN A 17 12.26 10.20 -24.99
CA GLN A 17 11.08 9.34 -24.94
C GLN A 17 11.22 8.27 -26.02
N SER A 18 10.94 7.04 -25.66
CA SER A 18 11.14 5.89 -26.52
C SER A 18 9.85 5.15 -26.84
N GLU A 19 9.03 4.87 -25.83
CA GLU A 19 7.84 4.04 -26.01
C GLU A 19 6.76 4.53 -25.05
N HIS A 20 5.53 4.65 -25.53
CA HIS A 20 4.38 4.89 -24.66
C HIS A 20 3.56 3.61 -24.70
N LEU A 21 3.41 2.94 -23.56
CA LEU A 21 2.68 1.69 -23.62
C LEU A 21 1.17 1.85 -23.43
N PHE A 22 0.73 2.42 -22.30
CA PHE A 22 -0.70 2.60 -22.05
C PHE A 22 -0.88 3.55 -20.88
N GLU A 23 -2.14 3.80 -20.52
CA GLU A 23 -2.48 4.66 -19.41
C GLU A 23 -3.10 3.82 -18.31
N SER A 24 -2.42 3.72 -17.17
CA SER A 24 -2.92 2.99 -16.02
C SER A 24 -4.17 3.66 -15.47
N ASP A 25 -4.89 2.95 -14.59
CA ASP A 25 -5.98 3.57 -13.84
C ASP A 25 -5.50 4.23 -12.54
N HIS A 26 -4.21 4.17 -12.25
CA HIS A 26 -3.64 4.76 -11.03
C HIS A 26 -2.63 5.82 -11.41
N GLN A 27 -2.72 7.00 -10.76
CA GLN A 27 -1.84 8.09 -11.13
C GLN A 27 -0.38 7.71 -10.95
N SER A 28 -0.05 7.03 -9.83
CA SER A 28 1.32 6.65 -9.49
C SER A 28 1.48 5.13 -9.35
N GLY A 29 2.71 4.67 -9.52
CA GLY A 29 3.02 3.24 -9.40
C GLY A 29 4.43 3.04 -9.94
N ALA A 30 4.85 1.78 -10.01
CA ALA A 30 6.12 1.48 -10.68
C ALA A 30 5.96 0.20 -11.51
N TRP A 31 6.86 0.05 -12.48
CA TRP A 31 6.88 -1.18 -13.27
C TRP A 31 8.30 -1.42 -13.73
N CYS A 32 8.62 -2.68 -14.03
CA CYS A 32 10.00 -2.94 -14.43
C CYS A 32 10.10 -4.35 -15.00
N LYS A 33 11.29 -4.68 -15.46
CA LYS A 33 11.64 -6.05 -15.81
C LYS A 33 12.80 -6.44 -14.92
N ASP A 34 13.06 -7.74 -14.84
CA ASP A 34 14.17 -8.30 -14.06
C ASP A 34 15.38 -8.44 -14.96
N PRO A 35 16.46 -7.67 -14.76
CA PRO A 35 17.61 -7.73 -15.67
C PRO A 35 18.39 -9.02 -15.60
N LEU A 36 18.16 -9.86 -14.59
CA LEU A 36 18.85 -11.13 -14.52
C LEU A 36 17.95 -12.28 -14.92
N GLN A 37 16.87 -11.97 -15.64
CA GLN A 37 15.92 -12.99 -16.09
C GLN A 37 15.93 -13.04 -17.59
N ALA A 38 16.06 -14.25 -18.13
CA ALA A 38 16.12 -14.42 -19.58
C ALA A 38 14.78 -14.12 -20.27
N SER A 39 13.65 -14.43 -19.66
CA SER A 39 12.39 -14.23 -20.38
C SER A 39 11.89 -12.80 -20.22
N ASP A 40 10.99 -12.39 -21.13
CA ASP A 40 10.48 -11.01 -21.22
C ASP A 40 9.28 -10.76 -20.28
N LYS A 41 9.46 -11.07 -19.02
CA LYS A 41 8.40 -10.81 -18.04
C LYS A 41 8.42 -9.36 -17.60
N ILE A 42 7.23 -8.84 -17.31
CA ILE A 42 7.03 -7.47 -16.83
C ILE A 42 6.34 -7.50 -15.47
N TYR A 43 6.83 -6.70 -14.53
CA TYR A 43 6.33 -6.64 -13.16
C TYR A 43 5.72 -5.27 -12.90
N TYR A 44 4.57 -5.25 -12.22
CA TYR A 44 3.71 -4.07 -12.18
C TYR A 44 3.14 -3.91 -10.78
N MET A 45 3.27 -2.71 -10.22
CA MET A 45 2.71 -2.42 -8.89
C MET A 45 2.17 -1.00 -8.87
N PRO A 46 0.87 -0.82 -9.08
CA PRO A 46 0.30 0.53 -8.91
C PRO A 46 0.38 0.93 -7.45
N TRP A 47 0.40 2.25 -7.22
CA TRP A 47 0.45 2.78 -5.87
C TRP A 47 -0.97 3.09 -5.40
N THR A 48 -1.39 2.40 -4.36
CA THR A 48 -2.68 2.67 -3.73
C THR A 48 -2.42 2.93 -2.25
N PRO A 49 -2.60 4.16 -1.76
CA PRO A 49 -2.32 4.43 -0.35
C PRO A 49 -3.06 3.47 0.59
N TYR A 50 -2.32 2.96 1.56
CA TYR A 50 -2.77 2.09 2.64
C TYR A 50 -3.16 0.70 2.15
N ARG A 51 -3.04 0.41 0.85
CA ARG A 51 -3.53 -0.86 0.34
C ARG A 51 -2.62 -1.55 -0.68
N THR A 52 -1.32 -1.19 -0.78
CA THR A 52 -0.50 -1.73 -1.86
C THR A 52 0.10 -3.04 -1.36
N ASP A 53 -0.43 -4.16 -1.83
CA ASP A 53 0.00 -5.45 -1.30
C ASP A 53 0.14 -6.55 -2.34
N THR A 54 0.23 -6.21 -3.61
CA THR A 54 0.29 -7.21 -4.67
C THR A 54 1.35 -6.80 -5.68
N LEU A 55 1.93 -7.78 -6.36
CA LEU A 55 2.78 -7.55 -7.52
C LEU A 55 2.14 -8.31 -8.67
N THR A 56 1.92 -7.65 -9.81
CA THR A 56 1.33 -8.33 -10.96
C THR A 56 2.38 -8.64 -12.02
N GLU A 57 2.30 -9.81 -12.61
CA GLU A 57 3.30 -10.22 -13.59
C GLU A 57 2.63 -10.50 -14.93
N TYR A 58 3.23 -10.01 -16.01
CA TYR A 58 2.74 -10.18 -17.36
C TYR A 58 3.82 -10.89 -18.14
N SER A 59 3.44 -11.69 -19.12
CA SER A 59 4.45 -12.48 -19.79
C SER A 59 4.94 -11.83 -21.06
N SER A 60 4.32 -10.74 -21.49
CA SER A 60 4.74 -10.06 -22.71
C SER A 60 4.28 -8.62 -22.63
N LYS A 61 4.84 -7.79 -23.50
CA LYS A 61 4.37 -6.43 -23.57
C LYS A 61 2.92 -6.38 -24.06
N ASP A 62 2.56 -7.23 -25.02
CA ASP A 62 1.18 -7.25 -25.51
C ASP A 62 0.19 -7.61 -24.40
N ASP A 63 0.51 -8.65 -23.64
CA ASP A 63 -0.34 -9.01 -22.50
C ASP A 63 -0.45 -7.87 -21.50
N PHE A 64 0.66 -7.16 -21.28
CA PHE A 64 0.67 -6.02 -20.35
C PHE A 64 -0.30 -4.93 -20.82
N ILE A 65 -0.20 -4.55 -22.10
CA ILE A 65 -1.05 -3.51 -22.66
C ILE A 65 -2.50 -3.97 -22.67
N ALA A 66 -2.73 -5.25 -22.90
CA ALA A 66 -4.09 -5.77 -22.91
C ALA A 66 -4.66 -5.94 -21.51
N GLY A 67 -3.83 -5.88 -20.48
CA GLY A 67 -4.33 -6.12 -19.14
C GLY A 67 -4.60 -7.58 -18.87
N ARG A 68 -3.69 -8.46 -19.28
CA ARG A 68 -3.84 -9.91 -19.11
C ARG A 68 -2.69 -10.50 -18.30
N PRO A 69 -2.80 -10.50 -16.96
CA PRO A 69 -1.71 -10.99 -16.11
C PRO A 69 -1.46 -12.49 -16.25
N THR A 70 -0.19 -12.86 -16.08
CA THR A 70 0.15 -14.28 -15.94
C THR A 70 -0.14 -14.76 -14.53
N THR A 71 0.26 -13.97 -13.53
CA THR A 71 -0.08 -14.27 -12.16
C THR A 71 -0.06 -12.97 -11.35
N THR A 72 -0.70 -13.02 -10.20
CA THR A 72 -0.58 -11.96 -9.22
C THR A 72 0.01 -12.54 -7.93
N TYR A 73 1.00 -11.88 -7.36
CA TYR A 73 1.60 -12.28 -6.10
C TYR A 73 0.97 -11.48 -4.98
N LYS A 74 0.38 -12.18 -4.01
CA LYS A 74 -0.09 -11.51 -2.79
C LYS A 74 1.11 -11.40 -1.85
N LEU A 75 1.46 -10.15 -1.47
CA LEU A 75 2.67 -9.97 -0.69
C LEU A 75 2.38 -10.18 0.79
N PRO A 76 3.39 -10.55 1.57
CA PRO A 76 3.16 -10.82 3.00
C PRO A 76 3.00 -9.57 3.86
N HIS A 77 3.28 -8.39 3.31
CA HIS A 77 3.07 -7.13 4.00
C HIS A 77 2.68 -6.09 2.96
N ARG A 78 2.10 -4.99 3.44
CA ARG A 78 1.85 -3.86 2.56
C ARG A 78 3.17 -3.14 2.24
N VAL A 79 3.14 -2.31 1.20
CA VAL A 79 4.31 -1.66 0.62
C VAL A 79 4.14 -0.16 0.79
N ASP A 80 5.20 0.55 1.15
CA ASP A 80 5.22 2.00 1.06
C ASP A 80 5.92 2.42 -0.22
N GLY A 81 5.26 3.25 -1.01
CA GLY A 81 5.89 3.95 -2.13
C GLY A 81 6.09 3.11 -3.39
N THR A 82 6.85 3.67 -4.34
CA THR A 82 6.96 3.15 -5.70
C THR A 82 8.36 2.61 -5.98
N GLY A 83 9.08 2.20 -4.96
CA GLY A 83 10.50 1.97 -5.09
C GLY A 83 10.93 0.54 -5.30
N PHE A 84 10.00 -0.39 -5.59
CA PHE A 84 10.34 -1.81 -5.61
C PHE A 84 11.24 -2.12 -6.80
N VAL A 85 11.99 -3.21 -6.71
CA VAL A 85 12.61 -3.78 -7.90
C VAL A 85 12.42 -5.28 -7.88
N VAL A 86 12.72 -5.94 -9.01
CA VAL A 86 12.77 -7.40 -9.09
C VAL A 86 14.16 -7.71 -9.62
N TYR A 87 14.82 -8.68 -8.98
CA TYR A 87 16.24 -8.90 -9.22
C TYR A 87 16.51 -10.38 -9.02
N ASP A 88 16.88 -11.07 -10.10
CA ASP A 88 17.19 -12.50 -10.07
C ASP A 88 16.04 -13.26 -9.40
N GLY A 89 14.83 -12.94 -9.81
CA GLY A 89 13.66 -13.70 -9.40
C GLY A 89 13.18 -13.39 -8.02
N ALA A 90 13.67 -12.32 -7.39
CA ALA A 90 13.13 -11.89 -6.10
C ALA A 90 12.61 -10.47 -6.19
N LEU A 91 11.49 -10.23 -5.54
CA LEU A 91 10.99 -8.88 -5.37
C LEU A 91 11.62 -8.28 -4.11
N PHE A 92 12.03 -7.03 -4.21
CA PHE A 92 12.53 -6.29 -3.04
C PHE A 92 11.63 -5.08 -2.89
N PHE A 93 11.17 -4.81 -1.67
CA PHE A 93 10.26 -3.67 -1.49
C PHE A 93 10.39 -3.09 -0.09
N ASN A 94 9.95 -1.83 0.07
CA ASN A 94 9.94 -1.22 1.40
C ASN A 94 8.64 -1.60 2.14
N LYS A 95 8.78 -2.32 3.25
CA LYS A 95 7.62 -2.73 4.02
C LYS A 95 6.95 -1.51 4.67
N GLU A 96 5.64 -1.41 4.52
CA GLU A 96 4.85 -0.25 4.98
C GLU A 96 5.20 0.19 6.39
N ARG A 97 5.45 1.50 6.56
CA ARG A 97 5.75 2.12 7.86
C ARG A 97 6.89 1.40 8.58
N THR A 98 7.97 1.15 7.84
CA THR A 98 9.24 0.66 8.38
C THR A 98 10.38 1.21 7.54
N ARG A 99 11.59 1.12 8.08
CA ARG A 99 12.78 1.41 7.31
C ARG A 99 13.41 0.11 6.80
N ASN A 100 12.58 -0.91 6.55
CA ASN A 100 13.09 -2.22 6.18
C ASN A 100 12.79 -2.54 4.74
N ILE A 101 13.68 -3.33 4.14
CA ILE A 101 13.49 -3.92 2.82
C ILE A 101 13.13 -5.38 3.04
N VAL A 102 12.08 -5.84 2.39
CA VAL A 102 11.69 -7.24 2.40
C VAL A 102 12.09 -7.82 1.06
N LYS A 103 12.64 -9.03 1.10
CA LYS A 103 12.95 -9.82 -0.09
C LYS A 103 11.97 -10.98 -0.14
N PHE A 104 11.27 -11.11 -1.28
CA PHE A 104 10.19 -12.09 -1.45
C PHE A 104 10.51 -12.89 -2.71
N ASP A 105 10.74 -14.19 -2.54
CA ASP A 105 11.09 -15.03 -3.67
C ASP A 105 9.88 -15.31 -4.53
N LEU A 106 9.98 -15.06 -5.84
CA LEU A 106 8.80 -15.26 -6.67
C LEU A 106 8.56 -16.72 -7.02
N ARG A 107 9.60 -17.56 -7.14
CA ARG A 107 9.32 -18.95 -7.52
C ARG A 107 8.61 -19.68 -6.40
N THR A 108 8.90 -19.37 -5.14
CA THR A 108 8.29 -20.09 -4.03
C THR A 108 7.23 -19.27 -3.30
N ARG A 109 7.12 -17.96 -3.60
CA ARG A 109 6.18 -17.04 -2.96
C ARG A 109 6.36 -17.00 -1.44
N ILE A 110 7.60 -16.96 -1.00
CA ILE A 110 7.89 -16.89 0.42
C ILE A 110 8.91 -15.78 0.66
N LYS A 111 8.72 -15.07 1.77
CA LYS A 111 9.67 -14.06 2.17
C LYS A 111 10.99 -14.73 2.49
N SER A 112 12.04 -14.32 1.81
CA SER A 112 13.33 -14.93 2.05
C SER A 112 14.27 -14.01 2.81
N GLY A 113 13.92 -12.75 3.03
CA GLY A 113 14.82 -11.95 3.85
C GLY A 113 14.20 -10.64 4.24
N GLU A 114 14.78 -10.02 5.25
CA GLU A 114 14.37 -8.65 5.56
C GLU A 114 15.61 -7.96 6.14
N ALA A 115 15.78 -6.69 5.81
CA ALA A 115 16.90 -5.97 6.39
C ALA A 115 16.49 -4.56 6.78
N ILE A 116 17.13 -4.06 7.82
CA ILE A 116 16.94 -2.69 8.26
C ILE A 116 17.89 -1.81 7.47
N ILE A 117 17.39 -0.69 6.97
CA ILE A 117 18.25 0.31 6.32
C ILE A 117 18.54 1.35 7.41
N ALA A 118 19.69 1.21 8.09
CA ALA A 118 20.00 1.98 9.29
C ALA A 118 19.73 3.46 9.14
N ASN A 119 18.91 4.02 10.05
CA ASN A 119 18.67 5.45 10.20
C ASN A 119 17.88 6.06 9.05
N ALA A 120 17.35 5.25 8.13
CA ALA A 120 16.57 5.84 7.04
C ALA A 120 15.29 6.46 7.60
N ASN A 121 14.95 7.63 7.08
CA ASN A 121 13.64 8.20 7.29
C ASN A 121 12.62 7.40 6.49
N TYR A 122 11.39 7.33 6.99
CA TYR A 122 10.43 6.51 6.27
C TYR A 122 9.01 7.02 6.47
N HIS A 123 8.10 6.47 5.65
CA HIS A 123 6.65 6.69 5.78
C HIS A 123 6.30 8.18 5.66
N ASP A 124 6.69 8.78 4.53
CA ASP A 124 6.38 10.17 4.17
C ASP A 124 7.17 11.18 4.98
N THR A 125 8.33 10.79 5.50
CA THR A 125 9.23 11.71 6.16
C THR A 125 10.23 12.32 5.17
N SER A 126 10.90 11.50 4.36
CA SER A 126 11.73 12.01 3.26
C SER A 126 11.34 11.37 1.93
N PRO A 127 10.08 11.52 1.50
CA PRO A 127 9.70 10.98 0.19
C PRO A 127 10.32 11.84 -0.91
N TYR A 128 10.21 11.35 -2.15
CA TYR A 128 10.42 12.25 -3.27
C TYR A 128 9.31 13.28 -3.26
N ARG A 129 9.39 14.25 -4.18
CA ARG A 129 8.64 15.48 -3.98
C ARG A 129 7.14 15.25 -3.94
N TRP A 130 6.63 14.25 -4.66
CA TRP A 130 5.18 14.04 -4.69
C TRP A 130 4.62 13.28 -3.48
N GLY A 131 5.47 12.78 -2.60
CA GLY A 131 5.00 12.08 -1.41
C GLY A 131 4.79 10.62 -1.72
N GLY A 132 3.62 10.09 -1.34
CA GLY A 132 3.37 8.68 -1.58
C GLY A 132 4.28 7.72 -0.82
N LYS A 133 4.84 8.15 0.32
CA LYS A 133 5.72 7.28 1.12
C LYS A 133 6.81 6.68 0.25
N SER A 134 7.37 7.52 -0.61
CA SER A 134 8.41 7.14 -1.56
C SER A 134 9.79 7.34 -0.95
N ASP A 135 9.87 7.29 0.39
CA ASP A 135 11.09 7.58 1.15
C ASP A 135 12.24 6.68 0.75
N ILE A 136 11.98 5.41 0.44
CA ILE A 136 13.04 4.43 0.21
C ILE A 136 12.87 3.85 -1.19
N ASP A 137 13.90 3.94 -2.02
CA ASP A 137 13.79 3.57 -3.44
C ASP A 137 14.89 2.56 -3.74
N LEU A 138 14.54 1.38 -4.27
CA LEU A 138 15.57 0.42 -4.64
C LEU A 138 15.98 0.65 -6.07
N ALA A 139 17.20 0.21 -6.42
CA ALA A 139 17.70 0.40 -7.78
C ALA A 139 18.63 -0.76 -8.12
N VAL A 140 18.56 -1.24 -9.35
CA VAL A 140 19.51 -2.23 -9.84
C VAL A 140 20.33 -1.62 -10.97
N ASP A 141 21.63 -1.91 -10.98
CA ASP A 141 22.43 -1.47 -12.12
C ASP A 141 23.56 -2.47 -12.32
N GLU A 142 24.54 -2.08 -13.14
CA GLU A 142 25.67 -2.94 -13.49
C GLU A 142 26.45 -3.36 -12.28
N ASN A 143 26.39 -2.59 -11.20
CA ASN A 143 27.16 -2.89 -10.01
C ASN A 143 26.38 -3.73 -9.02
N GLY A 144 25.08 -3.90 -9.23
CA GLY A 144 24.32 -4.64 -8.25
C GLY A 144 23.07 -3.95 -7.75
N LEU A 145 22.77 -4.16 -6.46
CA LEU A 145 21.53 -3.69 -5.85
C LEU A 145 21.83 -2.51 -4.92
N TRP A 146 21.03 -1.46 -5.01
CA TRP A 146 21.20 -0.24 -4.25
C TRP A 146 19.91 0.15 -3.56
N VAL A 147 20.06 0.99 -2.54
CA VAL A 147 18.91 1.63 -1.91
C VAL A 147 19.23 3.13 -1.77
N ILE A 148 18.22 3.94 -2.09
CA ILE A 148 18.28 5.39 -2.17
C ILE A 148 17.29 5.90 -1.14
N TYR A 149 17.77 6.70 -0.19
CA TYR A 149 16.92 7.07 0.94
C TYR A 149 17.46 8.38 1.51
N ALA A 150 16.98 8.80 2.70
CA ALA A 150 17.57 9.97 3.36
C ALA A 150 17.67 9.69 4.85
N THR A 151 18.59 10.38 5.54
CA THR A 151 18.71 10.26 6.98
C THR A 151 18.74 11.63 7.61
N GLU A 152 18.45 11.67 8.90
CA GLU A 152 18.61 12.94 9.62
C GLU A 152 20.08 13.23 9.91
N GLN A 153 20.92 12.19 9.97
CA GLN A 153 22.36 12.42 10.06
C GLN A 153 22.85 13.21 8.86
N ASN A 154 22.24 13.02 7.69
CA ASN A 154 22.59 13.75 6.47
C ASN A 154 21.59 14.87 6.17
N ASN A 155 20.87 15.35 7.19
CA ASN A 155 20.01 16.54 7.10
C ASN A 155 18.94 16.43 6.01
N GLY A 156 18.46 15.20 5.80
CA GLY A 156 17.41 14.98 4.83
C GLY A 156 17.91 14.89 3.41
N LYS A 157 19.23 14.87 3.21
CA LYS A 157 19.71 14.77 1.85
C LYS A 157 19.91 13.30 1.51
N ILE A 158 19.88 13.01 0.22
CA ILE A 158 19.92 11.63 -0.24
C ILE A 158 21.16 10.92 0.29
N VAL A 159 20.96 9.70 0.77
CA VAL A 159 22.00 8.73 1.11
C VAL A 159 21.84 7.51 0.21
N ILE A 160 22.97 6.95 -0.25
CA ILE A 160 23.00 5.77 -1.11
C ILE A 160 23.64 4.65 -0.29
N SER A 161 23.03 3.45 -0.28
CA SER A 161 23.77 2.25 0.17
C SER A 161 23.75 1.16 -0.89
N GLN A 162 24.89 0.47 -1.04
CA GLN A 162 24.95 -0.78 -1.78
C GLN A 162 24.48 -1.90 -0.87
N LEU A 163 23.67 -2.79 -1.41
CA LEU A 163 23.06 -3.89 -0.63
C LEU A 163 23.46 -5.25 -1.19
N ASN A 164 23.79 -6.19 -0.30
CA ASN A 164 24.08 -7.58 -0.75
C ASN A 164 22.72 -8.20 -1.05
N PRO A 165 22.44 -8.67 -2.29
CA PRO A 165 21.13 -9.23 -2.66
C PRO A 165 20.69 -10.53 -1.99
N TYR A 166 21.59 -11.22 -1.31
CA TYR A 166 21.24 -12.53 -0.68
C TYR A 166 21.29 -12.44 0.85
N THR A 167 22.25 -11.69 1.41
CA THR A 167 22.36 -11.55 2.89
C THR A 167 21.60 -10.29 3.35
N LEU A 168 21.32 -9.38 2.43
CA LEU A 168 20.60 -8.10 2.72
C LEU A 168 21.41 -7.21 3.68
N ARG A 169 22.74 -7.32 3.67
CA ARG A 169 23.61 -6.49 4.55
C ARG A 169 24.15 -5.32 3.73
N ILE A 170 24.21 -4.13 4.32
CA ILE A 170 24.71 -2.92 3.60
C ILE A 170 26.20 -3.11 3.33
N GLU A 171 26.63 -2.90 2.09
CA GLU A 171 28.02 -3.08 1.70
C GLU A 171 28.81 -1.78 1.62
N GLY A 172 28.14 -0.64 1.64
CA GLY A 172 28.81 0.64 1.51
C GLY A 172 27.76 1.71 1.55
N THR A 173 28.11 2.89 2.06
CA THR A 173 27.14 3.97 2.24
C THR A 173 27.81 5.28 1.89
N TRP A 174 27.06 6.17 1.21
CA TRP A 174 27.57 7.45 0.73
C TRP A 174 26.52 8.54 1.00
N ASP A 175 26.94 9.67 1.56
CA ASP A 175 26.02 10.77 1.80
C ASP A 175 26.14 11.74 0.62
N THR A 176 25.03 12.09 0.01
CA THR A 176 25.04 13.08 -1.08
C THR A 176 24.68 14.45 -0.51
N ALA A 177 24.71 15.46 -1.39
CA ALA A 177 24.40 16.83 -1.01
C ALA A 177 22.99 17.25 -1.42
N TYR A 178 22.15 16.32 -1.86
CA TYR A 178 20.90 16.70 -2.51
C TYR A 178 19.75 16.39 -1.58
N ASP A 179 18.92 17.41 -1.31
CA ASP A 179 17.74 17.24 -0.46
C ASP A 179 16.75 16.29 -1.11
N LYS A 180 16.47 15.16 -0.46
CA LYS A 180 15.68 14.13 -1.12
C LYS A 180 14.29 14.63 -1.49
N ARG A 181 13.64 15.40 -0.61
CA ARG A 181 12.28 15.86 -0.93
C ARG A 181 12.22 16.79 -2.15
N SER A 182 13.34 17.47 -2.49
CA SER A 182 13.42 18.30 -3.70
C SER A 182 13.49 17.47 -4.98
N ALA A 183 13.91 16.22 -4.90
CA ALA A 183 14.01 15.36 -6.07
C ALA A 183 12.65 14.79 -6.45
N SER A 184 12.42 14.68 -7.76
CA SER A 184 11.28 13.91 -8.27
C SER A 184 11.53 12.43 -8.17
N ASN A 185 12.71 11.99 -8.61
CA ASN A 185 13.09 10.59 -8.51
C ASN A 185 14.59 10.52 -8.72
N ALA A 186 15.12 9.30 -8.82
CA ALA A 186 16.56 9.13 -9.01
C ALA A 186 16.79 7.69 -9.42
N PHE A 187 17.97 7.43 -9.97
CA PHE A 187 18.29 6.06 -10.39
C PHE A 187 19.81 5.92 -10.44
N MET A 188 20.27 4.67 -10.53
CA MET A 188 21.70 4.37 -10.58
C MET A 188 22.10 3.81 -11.95
N ILE A 189 23.26 4.22 -12.46
CA ILE A 189 23.90 3.57 -13.61
C ILE A 189 25.39 3.47 -13.31
N CYS A 190 25.96 2.27 -13.38
CA CYS A 190 27.41 2.07 -13.12
C CYS A 190 27.85 2.61 -11.77
N GLY A 191 27.02 2.48 -10.75
CA GLY A 191 27.36 3.05 -9.46
C GLY A 191 27.31 4.57 -9.39
N ILE A 192 26.68 5.24 -10.35
CA ILE A 192 26.50 6.69 -10.32
C ILE A 192 25.02 6.95 -10.10
N LEU A 193 24.69 7.75 -9.07
CA LEU A 193 23.34 8.24 -8.83
C LEU A 193 23.04 9.43 -9.72
N TYR A 194 21.90 9.38 -10.42
CA TYR A 194 21.38 10.48 -11.23
C TYR A 194 20.09 10.92 -10.57
N VAL A 195 19.96 12.22 -10.31
CA VAL A 195 18.81 12.74 -9.57
C VAL A 195 17.98 13.61 -10.51
N VAL A 196 16.65 13.38 -10.54
CA VAL A 196 15.76 14.05 -11.48
C VAL A 196 15.01 15.13 -10.72
N LYS A 197 14.90 16.30 -11.36
CA LYS A 197 14.02 17.39 -10.93
C LYS A 197 13.01 17.60 -12.04
N SER A 198 11.73 17.75 -11.67
CA SER A 198 10.71 17.92 -12.71
C SER A 198 9.49 18.63 -12.13
N VAL A 199 8.70 19.22 -13.03
CA VAL A 199 7.48 19.94 -12.70
C VAL A 199 6.36 18.96 -12.36
N TYR A 200 5.58 19.29 -11.33
CA TYR A 200 4.38 18.52 -10.98
C TYR A 200 3.16 19.38 -11.28
N GLU A 201 2.10 18.72 -11.75
CA GLU A 201 0.90 19.40 -12.26
C GLU A 201 0.33 20.39 -11.27
N ASP A 202 0.41 20.11 -9.98
CA ASP A 202 -0.23 21.01 -9.01
C ASP A 202 0.79 21.65 -8.07
N ALA A 207 10.91 25.93 -9.43
CA ALA A 207 11.41 24.76 -10.14
C ALA A 207 10.66 24.55 -11.45
N THR A 208 11.04 25.27 -12.49
CA THR A 208 10.34 25.15 -13.81
C THR A 208 11.10 24.20 -14.75
N GLY A 209 12.18 23.59 -14.27
CA GLY A 209 13.02 22.73 -15.14
C GLY A 209 12.75 21.23 -15.01
N ASN A 210 12.79 20.53 -16.15
CA ASN A 210 12.70 19.05 -16.17
C ASN A 210 14.07 18.54 -16.59
N LYS A 211 14.88 18.06 -15.65
CA LYS A 211 16.24 17.62 -16.02
C LYS A 211 16.89 16.79 -14.91
N ILE A 212 17.98 16.12 -15.27
CA ILE A 212 18.84 15.46 -14.24
C ILE A 212 19.78 16.60 -13.86
N ASP A 213 19.70 17.11 -12.63
CA ASP A 213 20.55 18.28 -12.27
C ASP A 213 21.67 17.89 -11.30
N TYR A 214 21.78 16.62 -10.91
CA TYR A 214 22.85 16.24 -9.96
C TYR A 214 23.26 14.78 -10.14
N ILE A 215 24.56 14.50 -10.00
CA ILE A 215 25.06 13.13 -9.98
C ILE A 215 26.00 12.96 -8.80
N TYR A 216 25.98 11.74 -8.26
CA TYR A 216 26.93 11.31 -7.23
C TYR A 216 27.60 10.01 -7.68
N ASN A 217 28.92 10.03 -7.82
CA ASN A 217 29.71 8.88 -8.29
C ASN A 217 30.27 8.16 -7.07
N THR A 218 29.74 6.94 -6.80
CA THR A 218 30.16 6.20 -5.60
C THR A 218 31.55 5.58 -5.74
N ASP A 219 32.04 5.38 -6.97
CA ASP A 219 33.41 4.88 -7.10
C ASP A 219 34.39 5.89 -6.57
N GLN A 220 34.13 7.17 -6.83
CA GLN A 220 35.03 8.27 -6.52
C GLN A 220 34.63 8.98 -5.23
N SER A 221 33.42 8.73 -4.72
CA SER A 221 32.78 9.58 -3.72
C SER A 221 32.88 11.04 -4.13
N LYS A 222 32.53 11.31 -5.38
CA LYS A 222 32.55 12.68 -5.87
C LYS A 222 31.19 13.03 -6.49
N ASP A 223 30.77 14.29 -6.36
CA ASP A 223 29.45 14.68 -6.88
C ASP A 223 29.54 15.95 -7.71
N SER A 224 28.54 16.17 -8.57
CA SER A 224 28.51 17.44 -9.30
C SER A 224 27.12 17.77 -9.82
N LEU A 225 26.94 19.06 -10.08
CA LEU A 225 25.81 19.60 -10.82
C LEU A 225 25.91 19.23 -12.27
N VAL A 226 24.77 18.90 -12.87
CA VAL A 226 24.68 18.65 -14.30
C VAL A 226 23.38 19.24 -14.80
N ASP A 227 23.21 19.21 -16.11
CA ASP A 227 21.94 19.62 -16.68
C ASP A 227 21.75 18.74 -17.90
N VAL A 228 21.03 17.65 -17.72
CA VAL A 228 20.61 16.78 -18.80
C VAL A 228 19.09 16.88 -18.89
N PRO A 229 18.54 17.42 -19.98
CA PRO A 229 17.07 17.47 -20.12
C PRO A 229 16.44 16.10 -19.90
N PHE A 230 15.34 16.09 -19.16
CA PHE A 230 14.66 14.85 -18.78
C PHE A 230 13.21 14.97 -19.23
N PRO A 231 12.69 14.04 -20.07
CA PRO A 231 11.32 14.16 -20.56
C PRO A 231 10.29 14.13 -19.44
N ASN A 232 9.29 15.02 -19.51
CA ASN A 232 8.19 15.09 -18.51
C ASN A 232 6.92 15.59 -19.19
N SER A 233 6.34 14.78 -20.08
CA SER A 233 5.11 15.16 -20.83
C SER A 233 3.89 15.34 -19.91
N TYR A 234 3.71 14.44 -18.94
CA TYR A 234 2.47 14.38 -18.11
C TYR A 234 2.57 15.11 -16.75
N GLN A 235 3.75 15.60 -16.38
CA GLN A 235 3.96 16.41 -15.15
C GLN A 235 3.59 15.68 -13.84
N TYR A 236 3.78 14.36 -13.76
CA TYR A 236 3.60 13.67 -12.46
C TYR A 236 4.46 12.42 -12.42
N ILE A 237 5.78 12.59 -12.35
CA ILE A 237 6.70 11.42 -12.34
C ILE A 237 6.56 10.73 -10.97
N ALA A 238 6.18 9.45 -11.00
CA ALA A 238 6.01 8.67 -9.75
C ALA A 238 7.10 7.60 -9.65
N ALA A 239 7.69 7.20 -10.77
CA ALA A 239 8.74 6.19 -10.69
C ALA A 239 9.68 6.34 -11.86
N VAL A 240 10.99 6.11 -11.62
CA VAL A 240 12.01 6.05 -12.67
C VAL A 240 12.93 4.90 -12.31
N ASP A 241 12.92 3.83 -13.11
CA ASP A 241 13.74 2.64 -12.84
C ASP A 241 14.62 2.31 -14.02
N TYR A 242 15.94 2.29 -13.78
CA TYR A 242 16.89 1.94 -14.84
C TYR A 242 17.06 0.43 -14.94
N ASN A 243 17.25 -0.08 -16.16
CA ASN A 243 17.46 -1.50 -16.38
C ASN A 243 18.81 -1.70 -17.05
N PRO A 244 19.76 -2.38 -16.40
CA PRO A 244 21.10 -2.53 -16.98
C PRO A 244 21.13 -3.52 -18.12
N ARG A 245 20.09 -4.34 -18.30
CA ARG A 245 20.15 -5.29 -19.41
C ARG A 245 19.82 -4.61 -20.73
N ASP A 246 18.85 -3.69 -20.75
CA ASP A 246 18.50 -3.02 -21.99
C ASP A 246 18.85 -1.55 -22.00
N ASN A 247 19.35 -1.01 -20.89
CA ASN A 247 19.79 0.38 -20.81
C ASN A 247 18.63 1.35 -21.05
N LEU A 248 17.43 0.96 -20.64
CA LEU A 248 16.28 1.85 -20.73
C LEU A 248 15.86 2.32 -19.34
N LEU A 249 15.04 3.36 -19.33
CA LEU A 249 14.35 3.78 -18.12
C LEU A 249 12.89 3.37 -18.23
N TYR A 250 12.38 2.80 -17.14
CA TYR A 250 10.98 2.36 -16.98
C TYR A 250 10.33 3.43 -16.10
N VAL A 251 9.45 4.21 -16.72
CA VAL A 251 8.88 5.40 -16.03
C VAL A 251 7.35 5.31 -15.87
N TRP A 252 6.86 5.83 -14.75
CA TRP A 252 5.40 5.94 -14.48
C TRP A 252 5.14 7.45 -14.32
N ASN A 253 4.44 8.06 -15.27
CA ASN A 253 4.24 9.53 -15.19
C ASN A 253 2.77 9.92 -15.37
N ASN A 254 2.12 10.36 -14.30
CA ASN A 254 0.72 10.87 -14.39
C ASN A 254 -0.18 9.87 -15.13
N TYR A 255 -0.22 8.64 -14.62
CA TYR A 255 -1.02 7.47 -15.11
C TYR A 255 -0.38 6.79 -16.32
N HIS A 256 0.64 7.41 -16.92
CA HIS A 256 1.23 6.88 -18.17
C HIS A 256 2.40 5.93 -17.87
N VAL A 257 2.37 4.76 -18.49
CA VAL A 257 3.46 3.76 -18.35
C VAL A 257 4.30 3.93 -19.62
N VAL A 258 5.54 4.42 -19.48
CA VAL A 258 6.40 4.73 -20.67
C VAL A 258 7.84 4.28 -20.42
N LYS A 259 8.62 4.19 -21.50
CA LYS A 259 10.06 3.82 -21.46
C LYS A 259 10.87 4.95 -22.11
N TYR A 260 12.04 5.28 -21.56
CA TYR A 260 12.92 6.33 -22.13
C TYR A 260 14.23 5.71 -22.60
N SER A 261 14.68 6.03 -23.82
CA SER A 261 16.00 5.56 -24.33
C SER A 261 17.11 6.46 -23.76
N LEU A 262 18.36 6.00 -23.76
CA LEU A 262 19.47 6.76 -23.20
C LEU A 262 20.63 6.84 -24.18
N ASP A 263 21.36 7.95 -24.11
CA ASP A 263 22.56 8.21 -24.89
C ASP A 263 23.73 8.39 -23.94
N PHE A 264 24.84 7.69 -24.18
CA PHE A 264 26.00 7.70 -23.29
C PHE A 264 27.26 8.24 -23.95
N GLY A 265 28.13 8.82 -23.11
CA GLY A 265 29.48 9.19 -23.50
C GLY A 265 30.49 8.45 -22.66
N PRO A 266 31.79 8.67 -22.89
CA PRO A 266 32.83 7.91 -22.15
C PRO A 266 32.61 7.90 -20.63
N ALA A 267 32.85 6.73 -20.02
CA ALA A 267 32.54 6.51 -18.61
C ALA A 267 33.42 7.34 -17.69
N ALA A 268 32.90 7.60 -16.49
CA ALA A 268 33.66 8.17 -15.38
C ALA A 268 34.33 7.05 -14.58
N ALA A 269 35.25 7.42 -13.69
CA ALA A 269 35.95 6.43 -12.87
C ALA A 269 35.00 5.66 -11.95
N LYS B 8 11.75 32.51 11.89
CA LYS B 8 11.83 31.05 11.82
C LYS B 8 12.67 30.48 12.97
N SER B 9 12.06 30.22 14.11
CA SER B 9 12.76 29.46 15.13
C SER B 9 12.67 27.97 14.81
N CYS B 10 13.61 27.21 15.38
CA CYS B 10 13.55 25.76 15.35
C CYS B 10 14.09 25.26 16.68
N PRO B 11 13.48 24.24 17.29
CA PRO B 11 14.11 23.63 18.46
C PRO B 11 15.53 23.22 18.12
N SER B 12 16.47 23.53 19.03
CA SER B 12 17.88 23.22 18.78
C SER B 12 18.08 21.73 18.52
N VAL B 13 17.19 20.89 19.06
CA VAL B 13 17.31 19.44 18.94
C VAL B 13 16.76 18.93 17.60
N CYS B 14 15.96 19.71 16.90
CA CYS B 14 15.24 19.30 15.71
C CYS B 14 15.83 19.94 14.46
N ARG B 15 15.27 19.57 13.31
CA ARG B 15 15.59 20.18 12.02
C ARG B 15 14.31 20.71 11.40
N CYS B 16 14.32 21.94 10.92
CA CYS B 16 13.11 22.56 10.39
C CYS B 16 13.37 23.04 8.97
N ASP B 17 12.45 22.71 8.05
CA ASP B 17 12.62 23.08 6.65
C ASP B 17 11.25 23.38 6.06
N ALA B 18 10.93 24.68 5.94
CA ALA B 18 9.79 25.16 5.16
C ALA B 18 8.46 24.55 5.61
N GLY B 19 8.27 24.47 6.92
CA GLY B 19 7.04 23.96 7.49
C GLY B 19 7.11 22.50 7.92
N PHE B 20 8.10 21.75 7.44
CA PHE B 20 8.31 20.37 7.88
C PHE B 20 9.24 20.37 9.09
N ILE B 21 8.76 19.84 10.22
CA ILE B 21 9.46 19.90 11.49
C ILE B 21 9.92 18.48 11.83
N TYR B 22 11.21 18.20 11.70
CA TYR B 22 11.78 16.87 11.96
C TYR B 22 12.29 16.80 13.39
N CYS B 23 11.47 16.22 14.29
CA CYS B 23 11.86 15.94 15.66
C CYS B 23 11.84 14.45 15.91
N ASN B 24 12.00 13.67 14.85
CA ASN B 24 11.85 12.21 14.89
C ASN B 24 13.14 11.54 15.37
N ASP B 25 13.00 10.39 16.02
CA ASP B 25 14.17 9.53 16.28
C ASP B 25 15.25 10.29 17.04
N ARG B 26 14.86 10.97 18.12
CA ARG B 26 15.75 11.89 18.81
C ARG B 26 15.64 11.75 20.34
N PHE B 27 15.21 10.59 20.81
CA PHE B 27 15.19 10.26 22.23
C PHE B 27 14.44 11.31 23.04
N LEU B 28 13.35 11.82 22.45
CA LEU B 28 12.55 12.85 23.10
C LEU B 28 11.56 12.22 24.07
N THR B 29 11.48 12.77 25.29
CA THR B 29 10.36 12.42 26.15
C THR B 29 9.30 13.51 26.20
N SER B 30 9.58 14.68 25.64
CA SER B 30 8.58 15.73 25.51
C SER B 30 8.90 16.53 24.25
N ILE B 31 7.90 17.22 23.73
CA ILE B 31 8.09 18.04 22.53
C ILE B 31 8.88 19.30 22.90
N PRO B 32 9.98 19.60 22.23
CA PRO B 32 10.77 20.79 22.61
C PRO B 32 10.04 22.10 22.33
N THR B 33 10.37 23.09 23.16
CA THR B 33 9.99 24.46 22.86
C THR B 33 10.65 24.96 21.58
N GLY B 34 9.91 25.77 20.81
CA GLY B 34 10.55 26.44 19.71
C GLY B 34 10.08 26.05 18.32
N ILE B 35 8.96 25.35 18.23
CA ILE B 35 8.42 24.98 16.92
C ILE B 35 7.79 26.22 16.28
N PRO B 36 8.16 26.59 15.06
CA PRO B 36 7.66 27.84 14.47
C PRO B 36 6.16 27.77 14.22
N GLU B 37 5.53 28.94 14.16
CA GLU B 37 4.08 29.00 14.04
C GLU B 37 3.59 28.71 12.62
N ASP B 38 4.50 28.61 11.65
CA ASP B 38 4.16 28.24 10.29
C ASP B 38 4.33 26.74 10.05
N ALA B 39 4.57 25.98 11.10
CA ALA B 39 4.71 24.54 10.98
C ALA B 39 3.45 23.92 10.38
N THR B 40 3.63 23.06 9.39
CA THR B 40 2.53 22.33 8.77
C THR B 40 2.50 20.85 9.11
N THR B 41 3.65 20.24 9.35
CA THR B 41 3.75 18.79 9.52
C THR B 41 4.74 18.54 10.65
N LEU B 42 4.32 17.79 11.67
CA LEU B 42 5.16 17.51 12.83
C LEU B 42 5.60 16.05 12.78
N TYR B 43 6.91 15.82 12.61
CA TYR B 43 7.47 14.47 12.66
C TYR B 43 7.98 14.22 14.08
N LEU B 44 7.19 13.52 14.88
CA LEU B 44 7.53 13.24 16.27
C LEU B 44 7.65 11.74 16.52
N GLN B 45 7.74 10.94 15.45
CA GLN B 45 7.73 9.49 15.56
C GLN B 45 9.06 8.99 16.12
N ASN B 46 9.04 7.75 16.67
CA ASN B 46 10.25 7.06 17.13
C ASN B 46 10.96 7.83 18.25
N ASN B 47 10.16 8.24 19.22
CA ASN B 47 10.56 8.94 20.44
C ASN B 47 9.95 8.22 21.65
N GLN B 48 10.05 8.84 22.82
CA GLN B 48 9.53 8.28 24.06
C GLN B 48 8.54 9.28 24.68
N ILE B 49 7.80 9.95 23.79
CA ILE B 49 6.86 10.99 24.20
C ILE B 49 5.63 10.34 24.81
N ASN B 50 5.25 10.80 26.00
CA ASN B 50 3.98 10.43 26.61
C ASN B 50 3.09 11.68 26.72
N ASN B 51 1.87 11.48 27.24
CA ASN B 51 0.88 12.55 27.22
C ASN B 51 1.38 13.79 27.95
N ALA B 52 2.09 13.59 29.07
CA ALA B 52 2.62 14.71 29.83
C ALA B 52 3.69 15.47 29.06
N GLY B 53 4.19 14.87 27.97
CA GLY B 53 5.22 15.44 27.13
C GLY B 53 4.72 16.39 26.07
N ILE B 54 3.41 16.49 25.90
CA ILE B 54 2.82 17.33 24.86
C ILE B 54 2.39 18.64 25.51
N PRO B 55 3.10 19.75 25.27
CA PRO B 55 2.79 20.99 25.99
C PRO B 55 1.54 21.67 25.48
N SER B 56 0.95 22.50 26.36
CA SER B 56 -0.30 23.19 26.04
C SER B 56 -0.14 24.14 24.87
N ASP B 57 1.05 24.75 24.73
CA ASP B 57 1.31 25.68 23.64
C ASP B 57 1.13 25.02 22.27
N LEU B 58 1.31 23.69 22.20
CA LEU B 58 1.21 23.00 20.92
C LEU B 58 -0.12 23.28 20.24
N LYS B 59 -1.18 23.51 21.02
CA LYS B 59 -2.50 23.73 20.47
C LYS B 59 -2.54 24.95 19.56
N ASN B 60 -1.58 25.86 19.69
CA ASN B 60 -1.58 27.12 18.98
C ASN B 60 -0.82 27.07 17.66
N LEU B 61 -0.29 25.90 17.30
CA LEU B 61 0.33 25.71 15.99
C LEU B 61 -0.81 25.51 15.00
N LEU B 62 -1.33 26.64 14.52
CA LEU B 62 -2.60 26.67 13.81
C LEU B 62 -2.50 26.15 12.38
N LYS B 63 -1.30 26.03 11.84
CA LYS B 63 -1.14 25.59 10.45
C LYS B 63 -0.78 24.11 10.34
N VAL B 64 -0.50 23.43 11.46
CA VAL B 64 -0.17 22.01 11.43
C VAL B 64 -1.37 21.23 10.92
N GLU B 65 -1.17 20.48 9.83
CA GLU B 65 -2.22 19.61 9.31
C GLU B 65 -1.97 18.14 9.59
N ARG B 66 -0.72 17.73 9.76
CA ARG B 66 -0.37 16.33 9.92
C ARG B 66 0.58 16.21 11.10
N ILE B 67 0.30 15.26 11.98
CA ILE B 67 1.19 14.93 13.08
C ILE B 67 1.49 13.45 13.00
N TYR B 68 2.78 13.12 12.95
CA TYR B 68 3.24 11.73 13.00
C TYR B 68 3.77 11.48 14.39
N LEU B 69 3.02 10.69 15.16
CA LEU B 69 3.43 10.34 16.52
C LEU B 69 3.55 8.84 16.70
N TYR B 70 3.75 8.07 15.62
CA TYR B 70 3.82 6.63 15.78
C TYR B 70 5.08 6.21 16.54
N HIS B 71 4.99 5.08 17.24
CA HIS B 71 6.12 4.50 17.97
C HIS B 71 6.61 5.43 19.07
N ASN B 72 5.67 5.78 19.94
CA ASN B 72 5.89 6.65 21.07
C ASN B 72 5.33 6.01 22.34
N SER B 73 5.28 6.76 23.43
CA SER B 73 4.94 6.20 24.74
C SER B 73 3.61 6.77 25.25
N LEU B 74 2.69 7.05 24.34
CA LEU B 74 1.39 7.57 24.73
C LEU B 74 0.53 6.45 25.30
N ASP B 75 -0.11 6.68 26.43
CA ASP B 75 -1.03 5.67 26.92
C ASP B 75 -2.47 6.16 26.97
N GLU B 76 -2.73 7.39 26.53
CA GLU B 76 -4.07 7.89 26.34
C GLU B 76 -4.08 8.77 25.10
N PHE B 77 -5.27 8.95 24.51
CA PHE B 77 -5.35 9.75 23.29
C PHE B 77 -4.74 11.13 23.52
N PRO B 78 -3.84 11.58 22.63
CA PRO B 78 -3.11 12.83 22.89
C PRO B 78 -4.03 14.04 23.01
N THR B 79 -3.72 14.90 23.97
CA THR B 79 -4.38 16.18 24.18
C THR B 79 -3.39 17.31 23.97
N ASN B 80 -3.93 18.54 23.85
CA ASN B 80 -3.18 19.76 23.52
C ASN B 80 -2.70 19.76 22.08
N LEU B 81 -3.49 19.17 21.16
CA LEU B 81 -3.08 19.09 19.78
C LEU B 81 -3.49 20.33 19.01
N PRO B 82 -2.69 20.74 18.02
CA PRO B 82 -3.10 21.84 17.14
C PRO B 82 -4.52 21.66 16.65
N LYS B 83 -5.27 22.76 16.67
CA LYS B 83 -6.73 22.71 16.59
C LYS B 83 -7.23 22.25 15.23
N TYR B 84 -6.46 22.52 14.17
CA TYR B 84 -6.89 22.29 12.80
C TYR B 84 -6.25 21.05 12.19
N VAL B 85 -5.58 20.23 13.00
CA VAL B 85 -4.91 19.05 12.46
C VAL B 85 -5.91 18.16 11.72
N LYS B 86 -5.49 17.64 10.56
CA LYS B 86 -6.35 16.82 9.72
C LYS B 86 -5.97 15.35 9.70
N GLU B 87 -4.69 15.02 9.92
CA GLU B 87 -4.19 13.66 9.82
C GLU B 87 -3.38 13.37 11.08
N LEU B 88 -3.74 12.31 11.79
CA LEU B 88 -3.09 11.96 13.05
C LEU B 88 -2.63 10.51 12.95
N HIS B 89 -1.31 10.29 13.05
CA HIS B 89 -0.74 8.95 12.93
C HIS B 89 -0.22 8.57 14.32
N LEU B 90 -0.94 7.64 14.95
CA LEU B 90 -0.70 7.26 16.34
C LEU B 90 -0.35 5.78 16.47
N GLN B 91 0.08 5.15 15.40
CA GLN B 91 0.34 3.71 15.47
C GLN B 91 1.40 3.40 16.51
N GLU B 92 1.31 2.22 17.11
CA GLU B 92 2.38 1.68 17.97
C GLU B 92 2.69 2.58 19.17
N ASN B 93 1.64 2.91 19.88
CA ASN B 93 1.65 3.55 21.19
C ASN B 93 0.95 2.57 22.12
N ASN B 94 0.67 3.00 23.33
CA ASN B 94 -0.01 2.14 24.29
C ASN B 94 -1.35 2.76 24.62
N ILE B 95 -2.04 3.27 23.60
CA ILE B 95 -3.26 4.01 23.87
C ILE B 95 -4.37 3.05 24.24
N ARG B 96 -5.05 3.35 25.33
CA ARG B 96 -6.11 2.48 25.80
C ARG B 96 -7.48 3.11 25.63
N THR B 97 -7.63 4.38 25.95
CA THR B 97 -8.93 5.00 26.08
C THR B 97 -9.04 6.23 25.18
N ILE B 98 -10.24 6.41 24.62
CA ILE B 98 -10.55 7.58 23.75
C ILE B 98 -11.71 8.33 24.42
N THR B 99 -11.54 9.64 24.64
CA THR B 99 -12.59 10.43 25.34
C THR B 99 -13.12 11.53 24.42
N TYR B 100 -14.33 11.99 24.70
CA TYR B 100 -14.98 13.04 23.87
C TYR B 100 -14.13 14.31 23.94
N ASP B 101 -13.58 14.62 25.12
CA ASP B 101 -12.80 15.87 25.28
C ASP B 101 -11.61 15.85 24.31
N SER B 102 -10.89 14.73 24.23
CA SER B 102 -9.71 14.65 23.34
C SER B 102 -10.12 14.77 21.86
N LEU B 103 -11.16 14.02 21.46
CA LEU B 103 -11.63 14.04 20.04
C LEU B 103 -12.26 15.39 19.67
N SER B 104 -13.05 15.96 20.58
CA SER B 104 -13.72 17.25 20.29
C SER B 104 -12.68 18.35 20.08
N LYS B 105 -11.57 18.29 20.82
CA LYS B 105 -10.55 19.32 20.68
C LYS B 105 -9.90 19.34 19.31
N ILE B 106 -10.13 18.35 18.46
CA ILE B 106 -9.59 18.38 17.10
C ILE B 106 -10.71 18.10 16.10
N PRO B 107 -11.64 19.04 15.93
CA PRO B 107 -12.89 18.78 15.19
C PRO B 107 -12.73 18.57 13.70
N TYR B 108 -11.59 18.93 13.13
CA TYR B 108 -11.36 18.89 11.69
C TYR B 108 -10.64 17.62 11.26
N LEU B 109 -10.44 16.69 12.18
CA LEU B 109 -9.70 15.46 11.90
C LEU B 109 -10.39 14.66 10.81
N GLU B 110 -9.62 14.30 9.77
CA GLU B 110 -10.13 13.50 8.65
C GLU B 110 -9.57 12.08 8.64
N GLU B 111 -8.39 11.88 9.20
CA GLU B 111 -7.66 10.62 9.05
C GLU B 111 -7.05 10.27 10.40
N LEU B 112 -7.44 9.12 10.95
CA LEU B 112 -6.93 8.70 12.25
C LEU B 112 -6.38 7.29 12.15
N HIS B 113 -5.09 7.13 12.39
CA HIS B 113 -4.45 5.82 12.37
C HIS B 113 -4.12 5.46 13.80
N LEU B 114 -4.77 4.42 14.30
CA LEU B 114 -4.58 3.99 15.68
C LEU B 114 -4.08 2.55 15.73
N ASP B 115 -3.49 2.06 14.64
CA ASP B 115 -3.04 0.67 14.57
C ASP B 115 -2.07 0.35 15.70
N ASP B 116 -2.13 -0.89 16.22
CA ASP B 116 -1.16 -1.36 17.22
C ASP B 116 -1.22 -0.54 18.51
N ASN B 117 -2.42 -0.41 19.04
CA ASN B 117 -2.68 0.23 20.33
C ASN B 117 -3.52 -0.75 21.14
N SER B 118 -4.03 -0.32 22.28
CA SER B 118 -4.82 -1.20 23.14
C SER B 118 -6.24 -0.69 23.34
N VAL B 119 -6.83 -0.11 22.30
CA VAL B 119 -8.19 0.43 22.40
C VAL B 119 -9.19 -0.73 22.40
N SER B 120 -10.18 -0.67 23.29
CA SER B 120 -11.32 -1.58 23.29
C SER B 120 -12.62 -0.78 23.19
N ALA B 121 -13.72 -1.51 22.98
CA ALA B 121 -15.01 -0.86 22.89
C ALA B 121 -15.33 -0.06 24.15
N VAL B 122 -15.14 -0.66 25.34
CA VAL B 122 -15.46 0.02 26.60
C VAL B 122 -14.54 1.21 26.83
N SER B 123 -13.32 1.16 26.27
CA SER B 123 -12.36 2.23 26.41
C SER B 123 -12.78 3.48 25.64
N ILE B 124 -13.60 3.34 24.62
CA ILE B 124 -14.04 4.49 23.84
C ILE B 124 -15.26 5.08 24.51
N GLU B 125 -15.14 6.31 24.98
CA GLU B 125 -16.21 6.92 25.77
C GLU B 125 -17.47 7.03 24.93
N GLU B 126 -18.62 6.86 25.56
CA GLU B 126 -19.87 6.99 24.81
C GLU B 126 -19.96 8.37 24.19
N GLY B 127 -20.21 8.43 22.90
CA GLY B 127 -20.32 9.71 22.22
C GLY B 127 -18.99 10.36 21.92
N ALA B 128 -17.88 9.62 22.05
CA ALA B 128 -16.56 10.18 21.80
C ALA B 128 -16.48 10.86 20.44
N PHE B 129 -17.12 10.27 19.42
CA PHE B 129 -16.94 10.73 18.05
C PHE B 129 -18.01 11.71 17.60
N ARG B 130 -18.87 12.15 18.52
CA ARG B 130 -20.03 12.98 18.16
C ARG B 130 -19.62 14.27 17.47
N ASP B 131 -18.49 14.85 17.85
CA ASP B 131 -18.01 16.09 17.25
C ASP B 131 -16.97 15.87 16.15
N SER B 132 -16.66 14.62 15.80
CA SER B 132 -15.69 14.35 14.73
C SER B 132 -16.39 14.29 13.37
N ASN B 133 -16.90 15.45 12.96
CA ASN B 133 -17.83 15.57 11.85
C ASN B 133 -17.14 15.53 10.50
N TYR B 134 -15.81 15.40 10.47
CA TYR B 134 -15.05 15.32 9.24
C TYR B 134 -14.24 14.03 9.13
N LEU B 135 -14.36 13.12 10.08
CA LEU B 135 -13.53 11.92 10.09
C LEU B 135 -13.98 10.96 8.99
N ARG B 136 -13.04 10.62 8.10
CA ARG B 136 -13.31 9.76 6.94
C ARG B 136 -12.58 8.43 6.99
N LEU B 137 -11.39 8.39 7.57
CA LEU B 137 -10.53 7.22 7.55
C LEU B 137 -10.21 6.88 8.99
N LEU B 138 -10.57 5.67 9.43
CA LEU B 138 -10.27 5.23 10.79
C LEU B 138 -9.67 3.84 10.75
N PHE B 139 -8.43 3.73 11.19
CA PHE B 139 -7.73 2.45 11.19
C PHE B 139 -7.51 2.05 12.63
N LEU B 140 -8.08 0.90 13.00
CA LEU B 140 -8.05 0.35 14.35
C LEU B 140 -7.50 -1.08 14.33
N SER B 141 -6.72 -1.42 13.30
CA SER B 141 -6.06 -2.72 13.24
C SER B 141 -5.26 -2.98 14.51
N ARG B 142 -5.22 -4.24 14.93
CA ARG B 142 -4.38 -4.68 16.05
C ARG B 142 -4.62 -3.84 17.32
N ASN B 143 -5.87 -3.77 17.73
CA ASN B 143 -6.32 -3.16 18.98
C ASN B 143 -6.98 -4.26 19.79
N HIS B 144 -7.64 -3.88 20.88
CA HIS B 144 -8.27 -4.86 21.76
C HIS B 144 -9.78 -4.88 21.59
N LEU B 145 -10.27 -4.70 20.36
CA LEU B 145 -11.70 -4.65 20.17
C LEU B 145 -12.29 -6.06 20.14
N SER B 146 -13.39 -6.23 20.85
CA SER B 146 -14.22 -7.42 20.83
C SER B 146 -15.49 -7.23 20.03
N THR B 147 -15.95 -5.98 19.93
CA THR B 147 -17.09 -5.61 19.09
C THR B 147 -16.77 -4.33 18.35
N ILE B 148 -17.56 -4.03 17.34
CA ILE B 148 -17.42 -2.78 16.62
C ILE B 148 -18.05 -1.67 17.45
N PRO B 149 -17.30 -0.63 17.81
CA PRO B 149 -17.85 0.42 18.69
C PRO B 149 -19.08 1.08 18.10
N TRP B 150 -20.02 1.43 18.97
CA TRP B 150 -21.16 2.19 18.50
C TRP B 150 -20.77 3.66 18.44
N GLY B 151 -21.54 4.43 17.68
CA GLY B 151 -21.33 5.85 17.63
C GLY B 151 -20.22 6.29 16.72
N LEU B 152 -19.78 5.42 15.82
CA LEU B 152 -18.76 5.80 14.86
C LEU B 152 -19.30 6.90 13.96
N PRO B 153 -18.47 7.87 13.60
CA PRO B 153 -18.96 9.01 12.80
C PRO B 153 -19.63 8.58 11.51
N ARG B 154 -20.73 9.25 11.20
CA ARG B 154 -21.53 8.89 10.03
C ARG B 154 -20.79 9.14 8.73
N THR B 155 -19.72 9.93 8.79
CA THR B 155 -18.87 10.33 7.67
C THR B 155 -17.79 9.32 7.33
N ILE B 156 -17.64 8.25 8.10
CA ILE B 156 -16.55 7.32 7.86
C ILE B 156 -16.71 6.64 6.50
N GLU B 157 -15.63 6.71 5.71
CA GLU B 157 -15.56 6.10 4.36
C GLU B 157 -14.75 4.79 4.41
N GLU B 158 -13.68 4.76 5.20
CA GLU B 158 -12.87 3.52 5.31
C GLU B 158 -12.70 3.14 6.79
N LEU B 159 -13.07 1.92 7.15
CA LEU B 159 -12.93 1.44 8.54
C LEU B 159 -12.13 0.14 8.54
N ARG B 160 -10.97 0.12 9.19
CA ARG B 160 -10.17 -1.13 9.26
C ARG B 160 -10.18 -1.63 10.71
N LEU B 161 -10.66 -2.86 10.92
CA LEU B 161 -10.76 -3.49 12.25
C LEU B 161 -10.03 -4.84 12.22
N ASP B 162 -9.13 -5.01 11.26
CA ASP B 162 -8.41 -6.29 11.07
C ASP B 162 -7.48 -6.61 12.24
N ASP B 163 -7.28 -7.91 12.48
CA ASP B 163 -6.36 -8.44 13.52
C ASP B 163 -6.78 -8.01 14.93
N ASN B 164 -8.09 -7.89 15.17
CA ASN B 164 -8.64 -7.63 16.51
C ASN B 164 -9.20 -8.97 17.04
N ARG B 165 -10.07 -8.93 18.04
CA ARG B 165 -10.68 -10.19 18.52
C ARG B 165 -12.21 -10.08 18.40
N ILE B 166 -12.70 -9.39 17.37
CA ILE B 166 -14.13 -9.14 17.19
C ILE B 166 -14.90 -10.45 17.09
N SER B 167 -15.94 -10.58 17.91
CA SER B 167 -16.72 -11.80 17.99
C SER B 167 -18.15 -11.61 17.52
N THR B 168 -18.74 -10.45 17.78
CA THR B 168 -20.10 -10.14 17.42
C THR B 168 -20.13 -8.78 16.73
N ILE B 169 -21.10 -8.61 15.85
CA ILE B 169 -21.35 -7.27 15.24
C ILE B 169 -22.82 -6.95 15.48
N SER B 170 -23.11 -5.82 16.13
CA SER B 170 -24.50 -5.41 16.40
C SER B 170 -25.00 -4.55 15.24
N SER B 171 -26.28 -4.67 14.90
CA SER B 171 -26.86 -3.88 13.78
C SER B 171 -26.72 -2.38 14.07
N PRO B 172 -26.94 -1.89 15.31
CA PRO B 172 -26.77 -0.48 15.62
C PRO B 172 -25.34 0.01 15.37
N SER B 173 -24.33 -0.83 15.63
CA SER B 173 -22.93 -0.39 15.45
C SER B 173 -22.69 0.05 14.00
N LEU B 174 -23.18 -0.69 13.01
CA LEU B 174 -22.99 -0.25 11.60
C LEU B 174 -24.19 0.57 11.14
N GLN B 175 -25.23 0.66 11.95
CA GLN B 175 -26.42 1.40 11.56
C GLN B 175 -26.06 2.86 11.26
N GLY B 176 -26.56 3.34 10.14
CA GLY B 176 -26.39 4.73 9.79
C GLY B 176 -25.00 5.11 9.37
N LEU B 177 -24.14 4.13 9.07
CA LEU B 177 -22.85 4.43 8.44
C LEU B 177 -23.00 4.42 6.92
N THR B 178 -23.84 5.35 6.43
CA THR B 178 -24.24 5.36 5.02
C THR B 178 -23.11 5.78 4.09
N SER B 179 -22.06 6.42 4.60
CA SER B 179 -20.94 6.81 3.75
C SER B 179 -19.84 5.75 3.68
N LEU B 180 -19.89 4.75 4.55
CA LEU B 180 -18.81 3.73 4.58
C LEU B 180 -18.77 2.99 3.23
N LYS B 181 -17.59 2.91 2.61
CA LYS B 181 -17.44 2.17 1.33
C LYS B 181 -16.46 1.01 1.49
N ARG B 182 -15.54 1.10 2.46
CA ARG B 182 -14.56 0.00 2.65
C ARG B 182 -14.57 -0.46 4.11
N LEU B 183 -14.86 -1.74 4.34
CA LEU B 183 -14.90 -2.32 5.71
C LEU B 183 -14.00 -3.55 5.73
N VAL B 184 -12.98 -3.55 6.60
CA VAL B 184 -12.04 -4.71 6.69
C VAL B 184 -12.19 -5.34 8.08
N LEU B 185 -12.54 -6.63 8.10
CA LEU B 185 -12.74 -7.36 9.35
C LEU B 185 -11.84 -8.58 9.39
N ASP B 186 -10.80 -8.61 8.56
CA ASP B 186 -9.90 -9.74 8.46
C ASP B 186 -9.30 -10.11 9.82
N GLY B 187 -9.03 -11.40 9.98
CA GLY B 187 -8.40 -11.94 11.18
C GLY B 187 -9.06 -11.63 12.51
N ASN B 188 -10.39 -11.69 12.56
CA ASN B 188 -11.10 -11.61 13.83
C ASN B 188 -11.75 -12.95 14.15
N LEU B 189 -12.46 -13.00 15.28
CA LEU B 189 -13.22 -14.19 15.68
C LEU B 189 -14.71 -14.08 15.29
N LEU B 190 -15.01 -14.04 14.00
CA LEU B 190 -16.40 -13.96 13.56
C LEU B 190 -16.87 -15.30 13.02
N ASN B 191 -18.02 -15.76 13.51
CA ASN B 191 -18.74 -16.89 12.94
C ASN B 191 -19.98 -16.37 12.22
N ASN B 192 -20.56 -17.21 11.35
CA ASN B 192 -21.88 -16.89 10.82
C ASN B 192 -22.83 -16.57 11.96
N HIS B 193 -22.67 -17.27 13.08
CA HIS B 193 -23.44 -16.99 14.29
C HIS B 193 -23.18 -15.60 14.82
N GLY B 194 -21.92 -15.13 14.72
CA GLY B 194 -21.56 -13.82 15.25
C GLY B 194 -22.13 -12.66 14.45
N LEU B 195 -22.20 -12.80 13.13
CA LEU B 195 -22.81 -11.77 12.30
C LEU B 195 -24.28 -11.60 12.68
N GLY B 196 -24.65 -10.40 13.09
CA GLY B 196 -26.04 -10.11 13.37
C GLY B 196 -26.91 -10.08 12.12
N ASP B 197 -28.22 -10.29 12.33
CA ASP B 197 -29.17 -10.28 11.22
C ASP B 197 -29.19 -8.92 10.52
N LYS B 198 -28.91 -8.93 9.21
CA LYS B 198 -28.94 -7.73 8.35
C LYS B 198 -27.94 -6.66 8.81
N VAL B 199 -26.85 -7.06 9.47
CA VAL B 199 -25.90 -6.08 10.00
C VAL B 199 -25.31 -5.19 8.92
N PHE B 200 -25.10 -5.72 7.72
CA PHE B 200 -24.49 -4.96 6.64
C PHE B 200 -25.51 -4.40 5.69
N PHE B 201 -26.80 -4.73 5.91
CA PHE B 201 -27.84 -4.56 4.91
C PHE B 201 -27.98 -3.10 4.52
N ASN B 202 -27.88 -2.20 5.49
CA ASN B 202 -28.16 -0.79 5.24
C ASN B 202 -26.91 0.02 4.91
N LEU B 203 -25.80 -0.65 4.57
CA LEU B 203 -24.57 0.03 4.16
C LEU B 203 -24.67 0.38 2.67
N VAL B 204 -25.51 1.40 2.40
CA VAL B 204 -25.87 1.71 1.01
C VAL B 204 -24.64 2.01 0.16
N ASN B 205 -23.65 2.68 0.72
CA ASN B 205 -22.48 3.10 -0.06
C ASN B 205 -21.36 2.06 -0.05
N LEU B 206 -21.50 0.97 0.71
CA LEU B 206 -20.41 0.00 0.82
C LEU B 206 -20.01 -0.53 -0.55
N THR B 207 -18.70 -0.52 -0.79
CA THR B 207 -18.08 -0.93 -2.04
C THR B 207 -17.28 -2.21 -1.87
N GLU B 208 -16.60 -2.37 -0.73
CA GLU B 208 -15.76 -3.52 -0.44
C GLU B 208 -16.03 -4.04 0.97
N LEU B 209 -16.20 -5.35 1.08
CA LEU B 209 -16.40 -6.02 2.37
C LEU B 209 -15.39 -7.14 2.42
N SER B 210 -14.51 -7.11 3.41
CA SER B 210 -13.48 -8.12 3.57
C SER B 210 -13.67 -8.86 4.88
N LEU B 211 -13.84 -10.18 4.78
CA LEU B 211 -14.04 -11.04 5.93
C LEU B 211 -12.99 -12.14 5.95
N VAL B 212 -11.90 -11.92 5.19
CA VAL B 212 -10.83 -12.89 5.05
C VAL B 212 -10.34 -13.37 6.41
N ARG B 213 -9.99 -14.65 6.49
CA ARG B 213 -9.30 -15.21 7.64
C ARG B 213 -10.11 -15.05 8.92
N ASN B 214 -11.42 -15.09 8.80
CA ASN B 214 -12.33 -15.32 9.90
C ASN B 214 -12.69 -16.81 9.93
N SER B 215 -13.66 -17.16 10.78
CA SER B 215 -14.09 -18.54 10.94
C SER B 215 -15.45 -18.79 10.27
N LEU B 216 -15.69 -18.11 9.14
CA LEU B 216 -16.97 -18.23 8.40
C LEU B 216 -17.13 -19.65 7.86
N THR B 217 -18.33 -20.22 8.04
CA THR B 217 -18.64 -21.59 7.58
C THR B 217 -19.60 -21.54 6.38
N ALA B 218 -20.35 -20.45 6.27
CA ALA B 218 -21.33 -20.27 5.17
C ALA B 218 -21.28 -18.81 4.69
N ALA B 219 -21.46 -18.59 3.39
CA ALA B 219 -21.43 -17.22 2.90
C ALA B 219 -22.52 -16.42 3.60
N PRO B 220 -22.22 -15.25 4.14
CA PRO B 220 -23.26 -14.42 4.79
C PRO B 220 -24.37 -14.04 3.82
N VAL B 221 -25.50 -13.60 4.37
CA VAL B 221 -26.66 -13.21 3.59
C VAL B 221 -27.05 -11.77 3.98
N ASN B 222 -27.95 -11.19 3.21
CA ASN B 222 -28.42 -9.81 3.43
C ASN B 222 -27.28 -8.82 3.27
N LEU B 223 -26.34 -9.13 2.37
CA LEU B 223 -25.33 -8.17 2.04
C LEU B 223 -25.93 -7.06 1.19
N PRO B 224 -25.40 -5.84 1.30
CA PRO B 224 -25.92 -4.71 0.50
C PRO B 224 -25.53 -4.85 -0.96
N GLY B 225 -26.48 -4.62 -1.85
CA GLY B 225 -26.21 -4.70 -3.26
C GLY B 225 -26.17 -3.36 -3.96
N THR B 226 -26.75 -2.33 -3.34
CA THR B 226 -26.86 -1.02 -4.01
C THR B 226 -25.53 -0.58 -4.59
N ASN B 227 -24.44 -0.83 -3.86
CA ASN B 227 -23.12 -0.34 -4.24
C ASN B 227 -22.01 -1.37 -4.15
N LEU B 228 -22.26 -2.52 -3.55
CA LEU B 228 -21.15 -3.50 -3.33
C LEU B 228 -20.54 -3.88 -4.67
N ARG B 229 -19.22 -3.75 -4.77
CA ARG B 229 -18.48 -4.09 -6.01
C ARG B 229 -17.43 -5.18 -5.73
N LYS B 230 -16.96 -5.28 -4.49
CA LYS B 230 -15.92 -6.29 -4.14
C LYS B 230 -16.29 -7.00 -2.82
N LEU B 231 -16.23 -8.33 -2.79
CA LEU B 231 -16.53 -9.09 -1.58
C LEU B 231 -15.48 -10.15 -1.43
N TYR B 232 -14.69 -10.07 -0.36
CA TYR B 232 -13.56 -10.97 -0.11
C TYR B 232 -13.94 -11.93 1.02
N LEU B 233 -14.06 -13.21 0.68
CA LEU B 233 -14.37 -14.27 1.63
C LEU B 233 -13.32 -15.36 1.62
N GLN B 234 -12.18 -15.12 0.98
CA GLN B 234 -11.09 -16.11 0.91
C GLN B 234 -10.52 -16.41 2.30
N ASP B 235 -10.02 -17.64 2.45
CA ASP B 235 -9.28 -18.10 3.62
C ASP B 235 -10.17 -18.31 4.83
N ASN B 236 -11.45 -18.46 4.58
CA ASN B 236 -12.42 -19.00 5.51
C ASN B 236 -12.52 -20.52 5.27
N HIS B 237 -13.52 -21.14 5.88
CA HIS B 237 -13.82 -22.57 5.76
C HIS B 237 -15.26 -22.76 5.32
N ILE B 238 -15.66 -21.99 4.31
CA ILE B 238 -17.06 -21.91 3.91
C ILE B 238 -17.42 -23.18 3.12
N ASN B 239 -18.21 -24.06 3.75
CA ASN B 239 -18.61 -25.29 3.08
C ASN B 239 -19.75 -25.09 2.09
N ARG B 240 -20.58 -24.05 2.25
CA ARG B 240 -21.78 -23.92 1.43
C ARG B 240 -22.11 -22.45 1.14
N VAL B 241 -22.93 -22.27 0.11
CA VAL B 241 -23.45 -20.96 -0.28
C VAL B 241 -24.96 -20.98 -0.14
N PRO B 242 -25.53 -20.35 0.89
CA PRO B 242 -26.98 -20.28 0.99
C PRO B 242 -27.57 -19.69 -0.28
N PRO B 243 -28.78 -20.09 -0.64
CA PRO B 243 -29.31 -19.70 -1.96
C PRO B 243 -29.37 -18.20 -2.17
N ASN B 244 -29.51 -17.42 -1.10
CA ASN B 244 -29.62 -15.98 -1.17
C ASN B 244 -28.32 -15.25 -0.85
N ALA B 245 -27.20 -15.97 -0.77
CA ALA B 245 -25.96 -15.35 -0.33
C ALA B 245 -25.51 -14.25 -1.28
N PHE B 246 -25.87 -14.34 -2.56
CA PHE B 246 -25.46 -13.33 -3.55
C PHE B 246 -26.66 -12.68 -4.23
N SER B 247 -27.84 -12.84 -3.64
CA SER B 247 -29.03 -12.16 -4.12
C SER B 247 -28.83 -10.65 -4.19
N TYR B 248 -29.28 -10.07 -5.30
CA TYR B 248 -29.39 -8.64 -5.53
C TYR B 248 -28.04 -7.94 -5.63
N LEU B 249 -26.95 -8.68 -5.80
CA LEU B 249 -25.62 -8.06 -5.85
C LEU B 249 -25.34 -7.64 -7.29
N ARG B 250 -26.13 -6.65 -7.73
CA ARG B 250 -26.19 -6.27 -9.13
C ARG B 250 -24.99 -5.43 -9.56
N GLN B 251 -24.27 -4.83 -8.63
CA GLN B 251 -23.07 -4.07 -8.95
C GLN B 251 -21.78 -4.84 -8.69
N LEU B 252 -21.87 -6.09 -8.22
CA LEU B 252 -20.66 -6.75 -7.73
C LEU B 252 -19.71 -6.99 -8.88
N TYR B 253 -18.47 -6.52 -8.71
CA TYR B 253 -17.44 -6.55 -9.74
C TYR B 253 -16.49 -7.72 -9.55
N ARG B 254 -15.88 -7.84 -8.37
CA ARG B 254 -15.05 -8.98 -8.05
C ARG B 254 -15.65 -9.68 -6.85
N LEU B 255 -15.68 -11.02 -6.92
CA LEU B 255 -16.04 -11.87 -5.81
C LEU B 255 -14.98 -12.95 -5.70
N ASP B 256 -14.59 -13.26 -4.47
CA ASP B 256 -13.47 -14.18 -4.24
C ASP B 256 -13.84 -15.09 -3.08
N MET B 257 -13.98 -16.39 -3.35
CA MET B 257 -14.13 -17.39 -2.31
C MET B 257 -13.04 -18.45 -2.42
N SER B 258 -11.85 -18.05 -2.88
CA SER B 258 -10.71 -18.94 -2.86
C SER B 258 -10.43 -19.43 -1.43
N ASN B 259 -9.79 -20.60 -1.34
CA ASN B 259 -9.35 -21.17 -0.07
C ASN B 259 -10.52 -21.38 0.89
N ASN B 260 -11.53 -22.11 0.40
CA ASN B 260 -12.74 -22.41 1.17
C ASN B 260 -13.16 -23.84 0.87
N ASN B 261 -14.05 -24.40 1.69
CA ASN B 261 -14.41 -25.81 1.52
C ASN B 261 -15.61 -25.98 0.60
N LEU B 262 -15.56 -25.42 -0.59
CA LEU B 262 -16.71 -25.48 -1.48
C LEU B 262 -16.65 -26.75 -2.30
N SER B 263 -17.70 -27.56 -2.20
CA SER B 263 -17.86 -28.75 -3.00
C SER B 263 -19.07 -28.67 -3.95
N ASN B 264 -20.07 -27.86 -3.62
CA ASN B 264 -21.21 -27.66 -4.49
C ASN B 264 -21.46 -26.18 -4.64
N LEU B 265 -22.14 -25.82 -5.72
CA LEU B 265 -22.66 -24.48 -5.94
C LEU B 265 -24.09 -24.73 -6.41
N PRO B 266 -25.10 -24.37 -5.62
CA PRO B 266 -26.48 -24.63 -6.06
C PRO B 266 -26.82 -23.78 -7.27
N GLN B 267 -27.59 -24.35 -8.19
CA GLN B 267 -27.87 -23.67 -9.44
C GLN B 267 -28.51 -22.31 -9.16
N GLY B 268 -28.05 -21.30 -9.89
CA GLY B 268 -28.67 -20.00 -9.90
C GLY B 268 -28.17 -19.01 -8.86
N ILE B 269 -27.17 -19.38 -8.06
CA ILE B 269 -26.65 -18.47 -7.05
C ILE B 269 -26.01 -17.24 -7.66
N PHE B 270 -25.55 -17.33 -8.91
CA PHE B 270 -24.94 -16.20 -9.59
C PHE B 270 -25.91 -15.49 -10.51
N ASP B 271 -27.20 -15.84 -10.44
CA ASP B 271 -28.19 -15.30 -11.38
C ASP B 271 -28.26 -13.77 -11.30
N ASP B 272 -28.03 -13.21 -10.11
CA ASP B 272 -28.18 -11.78 -9.91
C ASP B 272 -26.90 -11.02 -10.18
N LEU B 273 -25.79 -11.72 -10.46
CA LEU B 273 -24.48 -11.09 -10.66
C LEU B 273 -24.38 -10.54 -12.07
N ASP B 274 -25.00 -9.37 -12.27
CA ASP B 274 -25.08 -8.74 -13.58
C ASP B 274 -23.73 -8.24 -14.08
N ASN B 275 -22.85 -7.86 -13.16
CA ASN B 275 -21.58 -7.22 -13.50
C ASN B 275 -20.37 -8.02 -13.06
N ILE B 276 -20.49 -9.34 -12.87
CA ILE B 276 -19.42 -10.07 -12.22
C ILE B 276 -18.31 -10.21 -13.26
N THR B 277 -17.29 -9.34 -13.14
CA THR B 277 -16.17 -9.30 -14.07
C THR B 277 -15.07 -10.28 -13.71
N GLN B 278 -14.71 -10.35 -12.43
CA GLN B 278 -13.69 -11.28 -11.96
C GLN B 278 -14.29 -12.12 -10.84
N LEU B 279 -14.38 -13.43 -11.10
CA LEU B 279 -14.93 -14.40 -10.17
C LEU B 279 -13.84 -15.41 -9.89
N ILE B 280 -13.38 -15.47 -8.65
CA ILE B 280 -12.19 -16.23 -8.31
C ILE B 280 -12.63 -17.35 -7.37
N LEU B 281 -12.50 -18.58 -7.85
CA LEU B 281 -13.00 -19.73 -7.09
C LEU B 281 -11.93 -20.80 -6.95
N ARG B 282 -10.66 -20.42 -7.05
CA ARG B 282 -9.57 -21.39 -6.96
C ARG B 282 -9.46 -21.95 -5.54
N ASN B 283 -8.72 -23.05 -5.43
CA ASN B 283 -8.33 -23.62 -4.14
C ASN B 283 -9.57 -24.02 -3.33
N ASN B 284 -10.52 -24.67 -4.01
CA ASN B 284 -11.80 -25.14 -3.53
C ASN B 284 -12.03 -26.58 -3.99
N PRO B 285 -12.51 -27.46 -3.07
CA PRO B 285 -12.66 -28.92 -3.36
C PRO B 285 -13.94 -29.28 -4.12
N TRP B 286 -13.94 -29.02 -5.42
CA TRP B 286 -15.17 -29.08 -6.21
C TRP B 286 -15.57 -30.52 -6.47
N TYR B 287 -16.69 -30.95 -5.87
CA TYR B 287 -17.27 -32.22 -6.22
C TYR B 287 -18.05 -32.06 -7.52
N CYS B 288 -17.84 -32.98 -8.46
CA CYS B 288 -18.37 -32.87 -9.81
C CYS B 288 -19.34 -34.01 -10.05
N GLY B 289 -20.63 -33.70 -9.95
CA GLY B 289 -21.69 -34.66 -10.14
C GLY B 289 -22.87 -34.03 -10.84
N CYS B 290 -24.05 -34.63 -10.71
CA CYS B 290 -25.24 -34.09 -11.36
C CYS B 290 -25.41 -32.61 -11.05
N LYS B 291 -25.27 -32.24 -9.78
CA LYS B 291 -25.65 -30.92 -9.32
C LYS B 291 -24.79 -29.83 -9.95
N MET B 292 -23.66 -30.20 -10.54
CA MET B 292 -22.73 -29.23 -11.10
C MET B 292 -22.77 -29.17 -12.63
N LYS B 293 -23.72 -29.88 -13.26
CA LYS B 293 -23.80 -29.85 -14.73
C LYS B 293 -24.00 -28.42 -15.22
N TRP B 294 -24.86 -27.66 -14.52
CA TRP B 294 -25.17 -26.29 -14.93
C TRP B 294 -23.90 -25.47 -15.07
N VAL B 295 -22.90 -25.73 -14.23
CA VAL B 295 -21.69 -24.93 -14.24
C VAL B 295 -21.08 -24.93 -15.63
N ARG B 296 -20.91 -26.12 -16.21
CA ARG B 296 -20.35 -26.23 -17.55
C ARG B 296 -21.10 -25.32 -18.50
N ASP B 297 -22.43 -25.47 -18.56
CA ASP B 297 -23.21 -24.68 -19.50
C ASP B 297 -23.09 -23.21 -19.17
N TRP B 298 -23.20 -22.87 -17.88
CA TRP B 298 -23.11 -21.48 -17.46
C TRP B 298 -21.76 -20.90 -17.85
N LEU B 299 -20.70 -21.72 -17.80
CA LEU B 299 -19.39 -21.25 -18.19
C LEU B 299 -19.22 -21.26 -19.71
N GLN B 300 -19.91 -22.15 -20.41
CA GLN B 300 -19.88 -22.08 -21.87
C GLN B 300 -20.65 -20.86 -22.38
N SER B 301 -21.79 -20.56 -21.77
CA SER B 301 -22.57 -19.36 -22.09
C SER B 301 -22.02 -18.13 -21.39
N LEU B 302 -20.94 -18.26 -20.63
CA LEU B 302 -20.36 -17.14 -19.89
C LEU B 302 -19.93 -16.04 -20.85
N PRO B 303 -20.23 -14.77 -20.56
CA PRO B 303 -19.83 -13.68 -21.44
C PRO B 303 -18.32 -13.47 -21.50
N VAL B 304 -17.87 -12.92 -22.64
CA VAL B 304 -16.44 -12.79 -22.94
C VAL B 304 -15.72 -11.92 -21.91
N LYS B 305 -16.36 -10.82 -21.49
CA LYS B 305 -15.72 -9.89 -20.56
C LYS B 305 -15.46 -10.54 -19.20
N VAL B 306 -16.36 -11.43 -18.77
CA VAL B 306 -16.23 -12.05 -17.45
C VAL B 306 -15.03 -12.99 -17.44
N ASN B 307 -14.22 -12.89 -16.40
CA ASN B 307 -13.08 -13.75 -16.17
C ASN B 307 -13.36 -14.59 -14.93
N VAL B 308 -13.44 -15.91 -15.11
CA VAL B 308 -13.69 -16.85 -14.03
C VAL B 308 -12.47 -17.74 -13.91
N ARG B 309 -12.08 -18.06 -12.68
CA ARG B 309 -10.96 -18.96 -12.52
C ARG B 309 -11.20 -19.88 -11.33
N GLY B 310 -10.49 -21.01 -11.34
CA GLY B 310 -10.33 -21.83 -10.16
C GLY B 310 -11.23 -23.02 -10.04
N LEU B 311 -12.09 -23.27 -11.03
CA LEU B 311 -13.10 -24.32 -10.96
C LEU B 311 -12.53 -25.62 -11.54
N MET B 312 -12.18 -26.56 -10.67
CA MET B 312 -11.65 -27.86 -11.09
C MET B 312 -12.11 -28.93 -10.12
N CYS B 313 -12.30 -30.13 -10.65
CA CYS B 313 -12.83 -31.23 -9.87
C CYS B 313 -11.78 -31.80 -8.92
N GLN B 314 -12.21 -32.12 -7.70
CA GLN B 314 -11.41 -32.89 -6.77
C GLN B 314 -12.05 -34.22 -6.40
N ALA B 315 -13.37 -34.31 -6.42
CA ALA B 315 -14.05 -35.56 -6.17
C ALA B 315 -15.12 -35.75 -7.25
N PRO B 316 -15.31 -36.98 -7.75
CA PRO B 316 -14.65 -38.22 -7.30
C PRO B 316 -13.19 -38.34 -7.73
N GLU B 317 -12.55 -39.43 -7.28
CA GLU B 317 -11.16 -39.69 -7.63
C GLU B 317 -10.96 -39.79 -9.13
N LYS B 318 -11.92 -40.40 -9.83
CA LYS B 318 -11.75 -40.67 -11.26
C LYS B 318 -11.51 -39.38 -12.05
N VAL B 319 -12.23 -38.31 -11.72
CA VAL B 319 -12.10 -37.06 -12.45
C VAL B 319 -11.48 -35.97 -11.58
N ARG B 320 -10.77 -36.36 -10.53
CA ARG B 320 -10.08 -35.39 -9.69
C ARG B 320 -9.03 -34.65 -10.49
N GLY B 321 -9.05 -33.32 -10.40
CA GLY B 321 -8.09 -32.50 -11.13
C GLY B 321 -8.53 -32.11 -12.52
N MET B 322 -9.70 -32.54 -12.97
CA MET B 322 -10.19 -32.24 -14.30
C MET B 322 -11.10 -31.02 -14.26
N ALA B 323 -10.92 -30.14 -15.23
CA ALA B 323 -11.68 -28.88 -15.27
C ALA B 323 -13.16 -29.14 -15.41
N ILE B 324 -13.96 -28.44 -14.58
CA ILE B 324 -15.39 -28.70 -14.48
C ILE B 324 -16.09 -28.39 -15.80
N LYS B 325 -15.63 -27.36 -16.51
CA LYS B 325 -16.34 -26.90 -17.70
C LYS B 325 -16.11 -27.80 -18.90
N ASP B 326 -15.43 -28.92 -18.71
CA ASP B 326 -15.11 -29.85 -19.79
C ASP B 326 -15.74 -31.23 -19.64
N LEU B 327 -16.09 -31.65 -18.42
CA LEU B 327 -16.53 -33.02 -18.19
C LEU B 327 -17.93 -33.28 -18.75
N ASN B 328 -18.12 -34.50 -19.26
CA ASN B 328 -19.43 -34.92 -19.76
C ASN B 328 -20.37 -35.30 -18.62
N ALA B 329 -19.97 -36.28 -17.81
CA ALA B 329 -20.75 -36.69 -16.64
C ALA B 329 -19.84 -37.32 -15.59
P PO4 C . 0.65 -0.39 9.98
O1 PO4 C . -0.79 -0.68 9.63
O2 PO4 C . 0.97 -1.08 11.28
O3 PO4 C . 0.88 1.09 10.15
O4 PO4 C . 1.55 -0.92 8.88
P PO4 D . 0.27 3.72 3.53
O1 PO4 D . -0.42 4.70 2.61
O2 PO4 D . -0.64 3.45 4.72
O3 PO4 D . 1.55 4.30 4.02
O4 PO4 D . 0.57 2.48 2.73
NA NA E . 14.01 5.41 -8.90
NA NA F . 25.83 -2.96 -20.66
C1 EDO G . 0.62 12.57 -1.18
O1 EDO G . 0.89 11.73 -2.33
C2 EDO G . 0.43 11.88 0.17
O2 EDO G . 1.57 11.11 0.57
C1 EDO H . 6.22 -16.36 3.69
O1 EDO H . 6.30 -14.96 3.41
C2 EDO H . 6.15 -16.59 5.20
O2 EDO H . 7.42 -16.28 5.80
C1 EDO I . 6.03 -13.12 6.54
O1 EDO I . 4.76 -13.11 7.21
C2 EDO I . 6.98 -12.14 7.22
O2 EDO I . 7.21 -12.51 8.58
C1 EDO J . -6.77 -2.07 -8.78
O1 EDO J . -6.92 -1.98 -10.20
C2 EDO J . -8.05 -1.56 -8.09
O2 EDO J . -7.74 -1.05 -6.78
NA NA K . 12.97 1.66 -7.81
C1 NAG L . -22.71 7.96 -0.94
C2 NAG L . -22.63 9.33 -0.25
C3 NAG L . -22.94 10.45 -1.25
C4 NAG L . -22.09 10.32 -2.50
C5 NAG L . -22.22 8.92 -3.07
C6 NAG L . -21.34 8.68 -4.28
C7 NAG L . -23.54 10.39 1.79
C8 NAG L . -24.56 10.27 2.89
N2 NAG L . -23.54 9.40 0.89
O3 NAG L . -22.71 11.72 -0.65
O4 NAG L . -22.50 11.26 -3.48
O5 NAG L . -21.85 7.96 -2.09
O6 NAG L . -21.89 9.27 -5.45
O7 NAG L . -22.76 11.32 1.72
C1 NAG M . -24.67 -4.24 -14.19
C2 NAG M . -24.89 -4.69 -15.64
C3 NAG M . -25.75 -3.67 -16.38
C4 NAG M . -27.02 -3.34 -15.58
C5 NAG M . -26.67 -2.98 -14.14
C6 NAG M . -27.88 -2.76 -13.26
C7 NAG M . -23.43 -5.58 -17.44
C8 NAG M . -22.04 -5.61 -17.99
N2 NAG M . -23.61 -4.86 -16.32
O3 NAG M . -26.10 -4.15 -17.66
O4 NAG M . -27.68 -2.23 -16.17
O5 NAG M . -25.92 -4.06 -13.55
O6 NAG M . -27.50 -2.24 -12.00
O7 NAG M . -24.36 -6.17 -17.99
#